data_2P0L
#
_entry.id   2P0L
#
_cell.length_a   46.961
_cell.length_b   49.245
_cell.length_c   61.452
_cell.angle_alpha   90.00
_cell.angle_beta   99.22
_cell.angle_gamma   90.00
#
_symmetry.space_group_name_H-M   'P 1 21 1'
#
loop_
_entity.id
_entity.type
_entity.pdbx_description
1 polymer 'Lipoate-protein ligase A'
2 water water
#
_entity_poly.entity_id   1
_entity_poly.type   'polypeptide(L)'
_entity_poly.pdbx_seq_one_letter_code
;(MSE)SLEWQDLAQLPVSIFKDYVTDAQDAEKPFIWTEVFLREINRSNQEIILHIWP(MSE)TKTVILG(MSE)LDRELP
HLELAKKEIISRGYEPVVRNFGGLAVVADEGILNFSLVIPDVFERKLSISDGYLI(MSE)VDFIRSIFSDFYQPIEHFEV
ETSYCPGKFDLSINGKKFAGLAQRRIKNGIAVSIYLSVCGDQKGRSQ(MSE)ISDFYKIGLGDTGSPIAYPNVDPEI
(MSE)ANLSDLLDCP(MSE)TVEDVIDR(MSE)LISLKQVGFNDRLL(MSE)IRPDLVAEFDRFQAKS(MSE)ANKG
(MSE)VSRDEEGHHHHHH
;
_entity_poly.pdbx_strand_id   A
#
# COMPACT_ATOMS: atom_id res chain seq x y z
N GLU A 4 6.10 8.40 -17.65
CA GLU A 4 4.61 8.29 -17.59
C GLU A 4 4.07 6.87 -17.71
N TRP A 5 3.03 6.58 -16.92
CA TRP A 5 2.40 5.27 -16.88
C TRP A 5 2.15 4.68 -18.27
N GLN A 6 1.61 5.48 -19.19
CA GLN A 6 1.35 4.95 -20.51
C GLN A 6 2.61 4.50 -21.24
N ASP A 7 3.77 5.01 -20.82
CA ASP A 7 5.03 4.64 -21.45
C ASP A 7 5.42 3.17 -21.24
N LEU A 8 4.80 2.50 -20.27
CA LEU A 8 5.11 1.11 -19.98
C LEU A 8 4.19 0.13 -20.71
N ALA A 9 3.26 0.67 -21.49
CA ALA A 9 2.30 -0.13 -22.22
C ALA A 9 2.89 -1.20 -23.13
N GLN A 10 4.20 -1.18 -23.33
CA GLN A 10 4.85 -2.19 -24.18
C GLN A 10 4.75 -3.57 -23.54
N LEU A 11 4.71 -3.60 -22.21
CA LEU A 11 4.64 -4.87 -21.51
C LEU A 11 3.23 -5.24 -21.08
N PRO A 12 2.92 -6.55 -21.07
CA PRO A 12 1.60 -7.02 -20.68
C PRO A 12 1.51 -6.85 -19.16
N VAL A 13 0.30 -6.66 -18.66
CA VAL A 13 0.06 -6.50 -17.23
C VAL A 13 -0.62 -7.76 -16.70
N SER A 14 0.06 -8.49 -15.82
CA SER A 14 -0.51 -9.69 -15.23
C SER A 14 -1.24 -9.34 -13.94
N ILE A 15 -2.51 -9.73 -13.88
CA ILE A 15 -3.38 -9.43 -12.74
C ILE A 15 -3.44 -10.51 -11.68
N PHE A 16 -3.24 -10.12 -10.43
CA PHE A 16 -3.32 -11.07 -9.34
C PHE A 16 -4.18 -10.49 -8.21
N LYS A 17 -5.48 -10.76 -8.27
CA LYS A 17 -6.40 -10.29 -7.23
C LYS A 17 -6.40 -11.35 -6.16
N ASP A 18 -5.89 -10.98 -4.98
CA ASP A 18 -5.80 -11.92 -3.89
C ASP A 18 -6.13 -11.25 -2.56
N TYR A 19 -7.42 -11.21 -2.22
CA TYR A 19 -7.86 -10.59 -0.97
C TYR A 19 -7.42 -11.34 0.27
N VAL A 20 -7.33 -10.60 1.38
CA VAL A 20 -7.01 -11.18 2.68
C VAL A 20 -8.33 -11.13 3.44
N THR A 21 -8.99 -12.28 3.51
CA THR A 21 -10.31 -12.43 4.16
C THR A 21 -10.29 -12.91 5.60
N ASP A 22 -9.08 -13.15 6.13
CA ASP A 22 -8.92 -13.63 7.49
C ASP A 22 -7.62 -13.09 8.05
N ALA A 23 -7.64 -12.64 9.29
CA ALA A 23 -6.46 -12.08 9.94
C ALA A 23 -5.27 -13.05 9.94
N GLN A 24 -5.55 -14.33 9.76
CA GLN A 24 -4.49 -15.34 9.75
C GLN A 24 -3.67 -15.34 8.47
N ASP A 25 -4.18 -14.65 7.44
CA ASP A 25 -3.50 -14.58 6.17
C ASP A 25 -2.95 -13.19 5.96
N ALA A 26 -2.89 -12.42 7.05
CA ALA A 26 -2.40 -11.05 7.01
C ALA A 26 -0.99 -10.88 6.46
N GLU A 27 -0.19 -11.92 6.49
CA GLU A 27 1.17 -11.81 5.98
C GLU A 27 1.30 -12.21 4.52
N LYS A 28 0.24 -12.81 3.99
CA LYS A 28 0.20 -13.29 2.62
C LYS A 28 0.68 -12.29 1.55
N PRO A 29 0.12 -11.06 1.55
CA PRO A 29 0.50 -10.06 0.57
C PRO A 29 2.01 -9.73 0.56
N PHE A 30 2.57 -9.58 1.75
CA PHE A 30 3.97 -9.24 1.88
C PHE A 30 4.86 -10.39 1.40
N ILE A 31 4.38 -11.62 1.59
CA ILE A 31 5.13 -12.77 1.12
C ILE A 31 5.10 -12.78 -0.41
N TRP A 32 3.95 -12.50 -1.00
CA TRP A 32 3.85 -12.45 -2.47
C TRP A 32 4.74 -11.35 -3.03
N THR A 33 4.85 -10.23 -2.32
CA THR A 33 5.68 -9.12 -2.78
C THR A 33 7.09 -9.64 -3.03
N GLU A 34 7.61 -10.39 -2.06
CA GLU A 34 8.95 -10.96 -2.17
C GLU A 34 9.03 -11.86 -3.38
N VAL A 35 8.06 -12.74 -3.52
CA VAL A 35 8.02 -13.66 -4.67
C VAL A 35 8.00 -12.90 -5.98
N PHE A 36 7.10 -11.94 -6.12
CA PHE A 36 7.01 -11.19 -7.37
C PHE A 36 8.25 -10.36 -7.67
N LEU A 37 8.95 -9.91 -6.64
CA LEU A 37 10.16 -9.13 -6.87
C LEU A 37 11.22 -9.98 -7.55
N ARG A 38 11.25 -11.27 -7.24
CA ARG A 38 12.22 -12.20 -7.83
C ARG A 38 11.76 -12.59 -9.23
N GLU A 39 10.47 -12.89 -9.37
CA GLU A 39 9.90 -13.28 -10.65
C GLU A 39 10.03 -12.22 -11.74
N ILE A 40 9.89 -10.95 -11.36
CA ILE A 40 9.99 -9.86 -12.33
C ILE A 40 11.44 -9.72 -12.81
N ASN A 41 12.34 -10.37 -12.08
CA ASN A 41 13.78 -10.39 -12.40
C ASN A 41 14.05 -11.57 -13.32
N ARG A 42 13.32 -12.66 -13.12
CA ARG A 42 13.46 -13.85 -13.94
C ARG A 42 12.63 -13.70 -15.21
N SER A 43 11.46 -13.11 -15.07
CA SER A 43 10.58 -12.88 -16.20
C SER A 43 10.39 -11.37 -16.27
N ASN A 44 11.31 -10.69 -16.94
CA ASN A 44 11.30 -9.24 -17.06
C ASN A 44 10.60 -8.74 -18.31
N GLN A 45 9.66 -9.53 -18.83
CA GLN A 45 8.92 -9.17 -20.03
C GLN A 45 7.48 -8.80 -19.70
N GLU A 46 7.20 -8.52 -18.43
CA GLU A 46 5.84 -8.18 -18.02
C GLU A 46 5.77 -7.34 -16.74
N ILE A 47 4.57 -6.85 -16.46
CA ILE A 47 4.32 -6.06 -15.27
C ILE A 47 3.29 -6.80 -14.43
N ILE A 48 3.50 -6.84 -13.13
CA ILE A 48 2.56 -7.51 -12.26
C ILE A 48 1.74 -6.52 -11.45
N LEU A 49 0.42 -6.62 -11.57
CA LEU A 49 -0.49 -5.77 -10.83
C LEU A 49 -1.10 -6.67 -9.77
N HIS A 50 -0.58 -6.55 -8.56
CA HIS A 50 -1.02 -7.33 -7.43
C HIS A 50 -2.00 -6.49 -6.62
N ILE A 51 -3.25 -6.94 -6.59
CA ILE A 51 -4.33 -6.26 -5.87
C ILE A 51 -4.60 -7.01 -4.58
N TRP A 52 -4.48 -6.33 -3.43
CA TRP A 52 -4.68 -7.01 -2.15
C TRP A 52 -5.38 -6.31 -1.01
N PRO A 53 -6.68 -5.99 -1.16
CA PRO A 53 -7.36 -5.34 -0.04
C PRO A 53 -7.38 -6.34 1.11
N THR A 55 -8.60 -7.37 5.52
CA THR A 55 -9.49 -7.27 6.66
C THR A 55 -8.78 -6.30 7.60
N LYS A 56 -9.47 -5.82 8.64
CA LYS A 56 -8.91 -4.86 9.58
C LYS A 56 -7.52 -5.27 10.05
N THR A 57 -6.53 -4.50 9.61
CA THR A 57 -5.13 -4.77 9.93
C THR A 57 -4.34 -3.47 10.06
N VAL A 58 -3.37 -3.44 10.97
CA VAL A 58 -2.48 -2.27 11.09
C VAL A 58 -1.08 -2.85 10.86
N ILE A 59 -0.41 -2.37 9.82
CA ILE A 59 0.92 -2.84 9.45
C ILE A 59 1.98 -1.93 10.05
N LEU A 60 2.78 -2.49 10.94
CA LEU A 60 3.83 -1.74 11.60
C LEU A 60 5.18 -2.00 10.97
N GLY A 61 6.05 -0.99 10.97
CA GLY A 61 7.36 -1.15 10.38
C GLY A 61 8.54 -1.11 11.32
N LEU A 63 10.55 1.31 12.41
CA LEU A 63 10.54 2.32 13.47
C LEU A 63 9.48 2.07 14.53
N ASP A 64 8.30 1.65 14.12
CA ASP A 64 7.22 1.38 15.06
C ASP A 64 7.61 0.35 16.13
N ARG A 65 8.23 -0.74 15.71
CA ARG A 65 8.58 -1.78 16.67
C ARG A 65 9.62 -1.36 17.72
N GLU A 66 10.20 -0.18 17.56
CA GLU A 66 11.17 0.33 18.51
C GLU A 66 10.52 1.21 19.58
N LEU A 67 9.20 1.33 19.54
CA LEU A 67 8.48 2.13 20.51
C LEU A 67 8.72 1.61 21.92
N PRO A 68 8.99 2.52 22.87
CA PRO A 68 9.24 2.14 24.26
C PRO A 68 8.20 1.19 24.85
N HIS A 69 6.92 1.47 24.59
CA HIS A 69 5.83 0.66 25.11
C HIS A 69 5.01 0.03 24.00
N LEU A 70 5.69 -0.70 23.12
CA LEU A 70 5.07 -1.34 21.96
C LEU A 70 3.85 -2.21 22.26
N GLU A 71 4.00 -3.21 23.13
CA GLU A 71 2.89 -4.11 23.44
C GLU A 71 1.67 -3.36 23.97
N LEU A 72 1.90 -2.30 24.75
CA LEU A 72 0.81 -1.50 25.28
C LEU A 72 0.12 -0.76 24.14
N ALA A 73 0.92 -0.41 23.13
CA ALA A 73 0.42 0.30 21.97
C ALA A 73 -0.41 -0.64 21.10
N LYS A 74 0.08 -1.86 20.90
CA LYS A 74 -0.64 -2.83 20.09
C LYS A 74 -2.04 -3.05 20.64
N LYS A 75 -2.20 -2.82 21.95
CA LYS A 75 -3.50 -2.99 22.59
C LYS A 75 -4.48 -1.97 22.03
N GLU A 76 -3.99 -0.78 21.71
CA GLU A 76 -4.84 0.25 21.14
C GLU A 76 -5.38 -0.24 19.79
N ILE A 77 -4.55 -0.98 19.08
CA ILE A 77 -4.96 -1.52 17.79
C ILE A 77 -5.99 -2.63 17.98
N ILE A 78 -5.68 -3.56 18.88
CA ILE A 78 -6.57 -4.68 19.14
C ILE A 78 -7.96 -4.27 19.65
N SER A 79 -8.02 -3.22 20.46
CA SER A 79 -9.28 -2.75 21.03
C SER A 79 -10.30 -2.25 20.01
N ARG A 80 -9.84 -1.92 18.80
CA ARG A 80 -10.76 -1.47 17.76
C ARG A 80 -11.02 -2.62 16.80
N GLY A 81 -10.58 -3.81 17.19
CA GLY A 81 -10.81 -4.97 16.35
C GLY A 81 -9.89 -5.13 15.16
N TYR A 82 -8.72 -4.49 15.20
CA TYR A 82 -7.75 -4.60 14.12
C TYR A 82 -6.62 -5.51 14.57
N GLU A 83 -5.97 -6.16 13.61
CA GLU A 83 -4.87 -7.06 13.93
C GLU A 83 -3.52 -6.42 13.60
N PRO A 84 -2.63 -6.37 14.59
CA PRO A 84 -1.31 -5.78 14.36
C PRO A 84 -0.41 -6.73 13.58
N VAL A 85 0.22 -6.23 12.53
CA VAL A 85 1.14 -7.02 11.72
C VAL A 85 2.46 -6.27 11.72
N VAL A 86 3.53 -6.95 12.08
CA VAL A 86 4.84 -6.32 12.14
C VAL A 86 5.73 -6.73 10.98
N ARG A 87 6.29 -5.73 10.33
CA ARG A 87 7.20 -5.93 9.21
C ARG A 87 8.50 -5.29 9.63
N ASN A 88 9.46 -6.12 10.04
CA ASN A 88 10.76 -5.63 10.50
C ASN A 88 11.41 -4.54 9.66
N PHE A 89 11.20 -4.57 8.35
CA PHE A 89 11.78 -3.55 7.49
C PHE A 89 10.76 -2.66 6.80
N GLY A 90 9.51 -2.70 7.29
CA GLY A 90 8.48 -1.87 6.71
C GLY A 90 8.53 -0.43 7.17
N GLY A 91 7.71 0.40 6.53
CA GLY A 91 7.66 1.81 6.89
C GLY A 91 6.76 2.05 8.10
N LEU A 92 6.43 3.31 8.35
CA LEU A 92 5.57 3.70 9.46
C LEU A 92 4.15 3.16 9.34
N ALA A 93 3.55 2.87 10.49
CA ALA A 93 2.20 2.32 10.59
C ALA A 93 1.22 2.85 9.54
N VAL A 94 0.52 1.91 8.92
CA VAL A 94 -0.47 2.23 7.92
C VAL A 94 -1.66 1.35 8.27
N VAL A 95 -2.85 1.76 7.84
CA VAL A 95 -4.07 1.02 8.15
C VAL A 95 -4.74 0.38 6.95
N ALA A 96 -5.23 -0.84 7.14
CA ALA A 96 -5.93 -1.55 6.07
C ALA A 96 -7.23 -2.16 6.58
N ASP A 97 -8.24 -2.14 5.73
CA ASP A 97 -9.54 -2.72 6.05
C ASP A 97 -10.46 -2.80 4.82
N GLU A 98 -11.71 -3.13 5.04
CA GLU A 98 -12.66 -3.27 3.94
C GLU A 98 -12.84 -2.02 3.08
N GLY A 99 -12.54 -0.84 3.65
CA GLY A 99 -12.69 0.39 2.88
C GLY A 99 -11.39 0.95 2.36
N ILE A 100 -10.34 0.14 2.41
CA ILE A 100 -9.02 0.55 1.94
C ILE A 100 -8.54 -0.34 0.79
N LEU A 101 -8.05 0.29 -0.28
CA LEU A 101 -7.53 -0.45 -1.43
C LEU A 101 -6.01 -0.44 -1.40
N ASN A 102 -5.41 -1.63 -1.44
CA ASN A 102 -3.96 -1.77 -1.44
C ASN A 102 -3.59 -2.54 -2.69
N PHE A 103 -2.51 -2.14 -3.34
CA PHE A 103 -2.07 -2.87 -4.51
C PHE A 103 -0.64 -2.51 -4.82
N SER A 104 -0.02 -3.33 -5.65
CA SER A 104 1.36 -3.11 -6.04
C SER A 104 1.55 -3.26 -7.53
N LEU A 105 2.50 -2.49 -8.04
CA LEU A 105 2.91 -2.54 -9.43
C LEU A 105 4.32 -3.10 -9.32
N VAL A 106 4.52 -4.31 -9.83
CA VAL A 106 5.84 -4.92 -9.78
C VAL A 106 6.37 -4.69 -11.20
N ILE A 107 7.38 -3.82 -11.30
CA ILE A 107 7.96 -3.44 -12.58
C ILE A 107 9.42 -3.84 -12.82
N PRO A 108 9.73 -4.34 -14.03
CA PRO A 108 11.10 -4.74 -14.36
C PRO A 108 11.83 -3.49 -14.86
N ASP A 109 13.10 -3.34 -14.51
CA ASP A 109 13.87 -2.17 -14.94
C ASP A 109 14.40 -2.40 -16.35
N VAL A 110 13.53 -2.33 -17.33
CA VAL A 110 13.93 -2.58 -18.71
C VAL A 110 13.47 -1.56 -19.76
N PHE A 111 12.90 -0.45 -19.31
CA PHE A 111 12.43 0.56 -20.25
C PHE A 111 13.52 1.59 -20.56
N LEU A 115 13.24 4.09 -13.74
CA LEU A 115 14.62 3.90 -13.33
C LEU A 115 14.83 4.30 -11.86
N SER A 116 14.81 5.60 -11.57
CA SER A 116 15.03 6.09 -10.21
C SER A 116 13.91 5.81 -9.21
N ILE A 117 14.21 6.00 -7.93
CA ILE A 117 13.20 5.80 -6.89
C ILE A 117 12.05 6.79 -7.12
N SER A 118 12.40 8.03 -7.48
CA SER A 118 11.39 9.04 -7.74
C SER A 118 10.53 8.60 -8.92
N ASP A 119 11.20 8.21 -10.02
CA ASP A 119 10.48 7.76 -11.21
C ASP A 119 9.43 6.71 -10.85
N GLY A 120 9.83 5.76 -10.00
CA GLY A 120 8.93 4.71 -9.58
C GLY A 120 7.67 5.27 -8.93
N TYR A 121 7.85 6.16 -7.96
CA TYR A 121 6.71 6.78 -7.28
C TYR A 121 5.85 7.55 -8.28
N LEU A 122 6.50 8.31 -9.15
CA LEU A 122 5.78 9.10 -10.16
C LEU A 122 5.02 8.21 -11.13
N ILE A 123 5.48 6.97 -11.30
CA ILE A 123 4.79 6.03 -12.17
C ILE A 123 3.45 5.71 -11.53
N VAL A 125 1.84 7.62 -9.25
CA VAL A 125 1.04 8.83 -9.23
C VAL A 125 0.29 8.96 -10.56
N ASP A 126 1.00 8.75 -11.67
CA ASP A 126 0.36 8.87 -12.97
C ASP A 126 -0.73 7.83 -13.12
N PHE A 127 -0.46 6.61 -12.65
CA PHE A 127 -1.44 5.54 -12.73
C PHE A 127 -2.71 5.95 -11.99
N ILE A 128 -2.56 6.41 -10.75
CA ILE A 128 -3.72 6.83 -9.98
C ILE A 128 -4.51 7.93 -10.68
N ARG A 129 -3.80 8.97 -11.13
CA ARG A 129 -4.44 10.09 -11.82
C ARG A 129 -5.23 9.56 -13.02
N SER A 130 -4.61 8.67 -13.77
CA SER A 130 -5.23 8.09 -14.95
C SER A 130 -6.50 7.35 -14.57
N ILE A 131 -6.44 6.60 -13.48
CA ILE A 131 -7.60 5.84 -13.01
C ILE A 131 -8.82 6.71 -12.74
N PHE A 132 -8.59 7.89 -12.18
CA PHE A 132 -9.68 8.79 -11.86
C PHE A 132 -9.76 9.98 -12.80
N SER A 133 -9.28 9.80 -14.03
CA SER A 133 -9.28 10.90 -15.00
C SER A 133 -10.67 11.44 -15.29
N ASP A 134 -11.71 10.67 -14.98
CA ASP A 134 -13.07 11.12 -15.22
C ASP A 134 -13.55 12.20 -14.23
N PHE A 135 -12.84 12.35 -13.11
CA PHE A 135 -13.20 13.36 -12.11
C PHE A 135 -12.34 14.60 -12.36
N TYR A 136 -12.90 15.80 -12.13
CA TYR A 136 -12.17 17.04 -12.37
C TYR A 136 -11.12 17.36 -11.31
N GLN A 137 -11.39 16.90 -10.10
CA GLN A 137 -10.51 17.14 -8.97
C GLN A 137 -9.09 16.67 -9.26
N PRO A 138 -8.14 17.61 -9.39
CA PRO A 138 -6.74 17.29 -9.66
C PRO A 138 -6.13 16.55 -8.48
N ILE A 139 -5.24 15.62 -8.74
CA ILE A 139 -4.59 14.87 -7.67
C ILE A 139 -3.15 15.35 -7.50
N GLU A 140 -2.83 15.80 -6.29
CA GLU A 140 -1.50 16.32 -6.01
C GLU A 140 -0.67 15.39 -5.14
N HIS A 141 0.64 15.58 -5.20
CA HIS A 141 1.56 14.79 -4.39
C HIS A 141 2.58 15.68 -3.70
N PHE A 142 2.67 15.48 -2.39
CA PHE A 142 3.59 16.20 -1.53
C PHE A 142 3.31 15.63 -0.17
N GLU A 143 4.30 15.67 0.72
CA GLU A 143 4.15 15.10 2.04
C GLU A 143 3.15 15.80 2.95
N VAL A 144 2.29 15.00 3.57
CA VAL A 144 1.33 15.50 4.54
C VAL A 144 1.92 15.04 5.87
N GLU A 145 2.76 15.88 6.46
CA GLU A 145 3.45 15.58 7.70
C GLU A 145 2.63 15.12 8.89
N THR A 146 1.39 15.57 9.00
CA THR A 146 0.57 15.17 10.12
C THR A 146 -0.39 14.01 9.82
N SER A 147 -0.03 13.22 8.81
CA SER A 147 -0.85 12.07 8.44
C SER A 147 -0.06 10.88 8.96
N TYR A 148 -0.69 9.70 9.07
CA TYR A 148 0.12 8.58 9.51
C TYR A 148 0.88 8.15 8.28
N CYS A 149 2.07 7.59 8.51
CA CYS A 149 2.95 7.15 7.46
C CYS A 149 3.15 8.23 6.39
N PRO A 150 3.55 9.45 6.80
CA PRO A 150 3.78 10.54 5.84
C PRO A 150 4.88 10.17 4.86
N GLY A 151 4.74 10.63 3.62
CA GLY A 151 5.72 10.34 2.61
C GLY A 151 5.79 11.48 1.60
N LYS A 152 6.93 11.62 0.95
CA LYS A 152 7.13 12.67 -0.03
C LYS A 152 6.06 12.65 -1.10
N PHE A 153 5.58 11.44 -1.41
CA PHE A 153 4.58 11.27 -2.46
C PHE A 153 3.15 11.00 -2.00
N ASP A 154 2.81 11.46 -0.80
CA ASP A 154 1.44 11.30 -0.30
C ASP A 154 0.51 11.93 -1.35
N LEU A 155 -0.60 11.27 -1.66
CA LEU A 155 -1.55 11.81 -2.62
C LEU A 155 -2.67 12.53 -1.87
N SER A 156 -3.14 13.65 -2.44
CA SER A 156 -4.19 14.41 -1.80
C SER A 156 -5.03 15.19 -2.80
N ILE A 157 -6.15 15.70 -2.32
CA ILE A 157 -7.09 16.51 -3.09
C ILE A 157 -7.56 17.56 -2.10
N ASN A 158 -7.44 18.82 -2.50
CA ASN A 158 -7.84 19.95 -1.67
C ASN A 158 -7.22 19.88 -0.29
N GLY A 159 -5.92 19.60 -0.25
CA GLY A 159 -5.21 19.55 1.03
C GLY A 159 -5.42 18.32 1.90
N LYS A 160 -6.27 17.39 1.46
CA LYS A 160 -6.51 16.18 2.25
C LYS A 160 -5.90 14.92 1.62
N LYS A 161 -5.16 14.16 2.42
CA LYS A 161 -4.48 12.94 1.99
C LYS A 161 -5.39 11.70 1.96
N PHE A 162 -5.45 11.03 0.81
CA PHE A 162 -6.29 9.83 0.67
C PHE A 162 -5.45 8.62 0.29
N ALA A 163 -4.15 8.82 0.10
CA ALA A 163 -3.28 7.70 -0.25
C ALA A 163 -1.83 7.88 0.21
N GLY A 164 -1.20 6.77 0.54
CA GLY A 164 0.19 6.76 0.94
C GLY A 164 0.87 5.74 0.04
N LEU A 165 2.12 5.99 -0.32
CA LEU A 165 2.87 5.08 -1.19
C LEU A 165 4.10 4.50 -0.53
N ALA A 166 4.61 3.41 -1.11
CA ALA A 166 5.80 2.74 -0.59
C ALA A 166 6.54 2.07 -1.76
N GLN A 167 7.84 1.84 -1.57
CA GLN A 167 8.64 1.22 -2.62
C GLN A 167 9.73 0.34 -2.05
N ARG A 168 9.94 -0.79 -2.70
CA ARG A 168 10.97 -1.73 -2.29
C ARG A 168 11.60 -2.21 -3.59
N ARG A 169 12.91 -2.44 -3.58
CA ARG A 169 13.56 -2.88 -4.80
C ARG A 169 14.49 -4.06 -4.56
N ILE A 170 14.69 -4.86 -5.60
CA ILE A 170 15.58 -6.01 -5.55
C ILE A 170 16.15 -6.20 -6.95
N LYS A 171 17.47 -6.03 -7.07
CA LYS A 171 18.15 -6.16 -8.34
C LYS A 171 17.47 -5.25 -9.37
N ASN A 172 17.09 -5.82 -10.51
CA ASN A 172 16.46 -5.05 -11.58
C ASN A 172 14.93 -5.12 -11.48
N GLY A 173 14.42 -5.18 -10.26
CA GLY A 173 12.97 -5.24 -10.06
C GLY A 173 12.51 -4.22 -9.06
N ILE A 174 11.34 -3.63 -9.32
CA ILE A 174 10.80 -2.61 -8.43
C ILE A 174 9.35 -2.89 -8.04
N ALA A 175 9.06 -2.72 -6.76
CA ALA A 175 7.72 -2.94 -6.25
C ALA A 175 7.18 -1.64 -5.67
N VAL A 176 6.25 -0.99 -6.37
CA VAL A 176 5.67 0.24 -5.87
C VAL A 176 4.28 -0.07 -5.35
N SER A 177 4.06 0.19 -4.07
CA SER A 177 2.77 -0.09 -3.44
C SER A 177 2.03 1.17 -3.03
N ILE A 178 0.72 1.03 -2.86
CA ILE A 178 -0.12 2.15 -2.45
C ILE A 178 -1.30 1.70 -1.58
N TYR A 179 -1.64 2.51 -0.59
CA TYR A 179 -2.78 2.24 0.27
C TYR A 179 -3.75 3.40 0.04
N LEU A 180 -4.90 3.11 -0.53
CA LEU A 180 -5.90 4.14 -0.81
C LEU A 180 -7.14 4.07 0.06
N SER A 181 -7.47 5.19 0.69
CA SER A 181 -8.66 5.27 1.52
C SER A 181 -9.84 5.51 0.58
N VAL A 182 -10.64 4.47 0.35
CA VAL A 182 -11.77 4.59 -0.55
C VAL A 182 -13.07 4.97 0.16
N CYS A 183 -13.39 4.24 1.22
CA CYS A 183 -14.61 4.52 1.96
C CYS A 183 -14.43 4.04 3.39
N GLY A 184 -15.43 4.29 4.23
CA GLY A 184 -15.34 3.86 5.61
C GLY A 184 -15.04 4.98 6.57
N ASP A 185 -14.58 4.62 7.76
CA ASP A 185 -14.29 5.59 8.83
C ASP A 185 -12.82 6.00 8.92
N GLN A 186 -12.43 6.92 8.03
CA GLN A 186 -11.04 7.40 7.97
C GLN A 186 -10.63 8.15 9.24
N LYS A 187 -11.56 8.91 9.80
CA LYS A 187 -11.26 9.66 11.03
C LYS A 187 -10.92 8.67 12.15
N GLY A 188 -11.61 7.52 12.15
CA GLY A 188 -11.34 6.51 13.15
C GLY A 188 -9.97 5.85 12.94
N ARG A 189 -9.63 5.54 11.69
CA ARG A 189 -8.34 4.94 11.39
C ARG A 189 -7.25 5.86 11.93
N SER A 190 -7.40 7.15 11.62
CA SER A 190 -6.45 8.16 12.03
C SER A 190 -6.32 8.26 13.54
N GLN A 191 -7.45 8.26 14.24
CA GLN A 191 -7.46 8.38 15.70
C GLN A 191 -6.80 7.15 16.33
N ILE A 193 -4.27 5.36 15.08
CA ILE A 193 -2.82 5.48 14.97
C ILE A 193 -2.28 6.56 15.91
N SER A 194 -3.05 7.63 16.08
CA SER A 194 -2.65 8.70 16.99
C SER A 194 -2.53 8.07 18.38
N ASP A 195 -3.53 7.28 18.75
CA ASP A 195 -3.53 6.61 20.05
C ASP A 195 -2.33 5.67 20.15
N PHE A 196 -2.06 4.94 19.06
CA PHE A 196 -0.95 4.00 19.03
C PHE A 196 0.35 4.71 19.44
N TYR A 197 0.67 5.81 18.76
CA TYR A 197 1.90 6.56 19.05
C TYR A 197 1.90 7.22 20.43
N LYS A 198 0.72 7.70 20.88
CA LYS A 198 0.62 8.33 22.18
C LYS A 198 1.01 7.31 23.26
N ILE A 199 0.38 6.14 23.21
CA ILE A 199 0.65 5.08 24.16
C ILE A 199 2.06 4.52 23.96
N GLY A 200 2.42 4.20 22.72
CA GLY A 200 3.73 3.67 22.44
C GLY A 200 4.88 4.51 23.01
N LEU A 201 4.75 5.83 22.90
CA LEU A 201 5.77 6.74 23.41
C LEU A 201 5.64 6.98 24.91
N GLY A 202 4.41 6.88 25.41
CA GLY A 202 4.14 7.11 26.82
C GLY A 202 4.91 8.30 27.33
N ASP A 203 5.64 8.12 28.43
CA ASP A 203 6.45 9.18 28.99
C ASP A 203 7.91 8.97 28.68
N THR A 204 8.22 7.83 28.08
CA THR A 204 9.60 7.51 27.73
C THR A 204 10.14 8.35 26.59
N GLY A 205 9.33 8.58 25.58
CA GLY A 205 9.80 9.37 24.46
C GLY A 205 10.77 8.58 23.61
N SER A 206 11.27 9.20 22.56
CA SER A 206 12.20 8.54 21.65
C SER A 206 12.83 9.56 20.70
N PRO A 207 14.04 9.27 20.22
CA PRO A 207 14.74 10.17 19.30
C PRO A 207 14.10 10.08 17.91
N ILE A 208 13.33 9.03 17.71
CA ILE A 208 12.65 8.80 16.44
C ILE A 208 11.47 9.75 16.30
N ALA A 209 11.41 10.44 15.16
CA ALA A 209 10.33 11.37 14.90
C ALA A 209 9.10 10.66 14.36
N TYR A 210 8.14 10.39 15.24
CA TYR A 210 6.91 9.73 14.85
C TYR A 210 5.89 10.79 14.47
N PRO A 211 5.05 10.51 13.48
CA PRO A 211 4.05 11.50 13.10
C PRO A 211 3.14 11.91 14.24
N ASN A 212 2.71 13.17 14.20
CA ASN A 212 1.78 13.71 15.18
C ASN A 212 0.50 13.76 14.35
N VAL A 213 -0.22 12.64 14.35
CA VAL A 213 -1.43 12.50 13.56
C VAL A 213 -2.57 13.48 13.81
N ASP A 214 -3.08 14.01 12.71
CA ASP A 214 -4.23 14.93 12.73
C ASP A 214 -5.33 14.27 11.89
N PRO A 215 -6.33 13.68 12.56
CA PRO A 215 -7.47 13.00 11.91
C PRO A 215 -8.24 13.80 10.85
N GLU A 216 -8.12 15.12 10.90
CA GLU A 216 -8.83 15.96 9.95
C GLU A 216 -8.05 16.18 8.67
N ILE A 217 -6.79 15.74 8.62
CA ILE A 217 -6.00 15.96 7.42
C ILE A 217 -6.08 14.82 6.40
N ALA A 219 -8.61 11.74 4.43
CA ALA A 219 -10.00 11.48 4.04
C ALA A 219 -10.14 10.40 2.98
N ASN A 220 -11.35 9.86 2.86
CA ASN A 220 -11.66 8.83 1.86
C ASN A 220 -11.84 9.52 0.53
N LEU A 221 -11.45 8.83 -0.55
CA LEU A 221 -11.61 9.38 -1.89
C LEU A 221 -13.09 9.56 -2.24
N SER A 222 -13.96 8.65 -1.80
CA SER A 222 -15.37 8.79 -2.11
C SER A 222 -15.89 10.13 -1.58
N ASP A 223 -15.34 10.60 -0.46
CA ASP A 223 -15.74 11.88 0.11
C ASP A 223 -15.13 13.06 -0.66
N LEU A 224 -13.82 12.98 -0.94
CA LEU A 224 -13.13 14.04 -1.66
C LEU A 224 -13.69 14.23 -3.07
N LEU A 225 -14.20 13.15 -3.65
CA LEU A 225 -14.77 13.22 -5.01
C LEU A 225 -16.29 13.33 -4.97
N ASP A 226 -16.85 13.41 -3.77
CA ASP A 226 -18.29 13.50 -3.61
C ASP A 226 -18.96 12.46 -4.50
N CYS A 227 -18.55 11.21 -4.34
CA CYS A 227 -19.09 10.11 -5.14
C CYS A 227 -18.85 8.79 -4.41
N PRO A 228 -19.91 8.24 -3.82
CA PRO A 228 -19.83 6.97 -3.09
C PRO A 228 -19.24 5.88 -3.97
N THR A 230 -16.95 1.87 -3.63
CA THR A 230 -16.36 0.83 -2.80
C THR A 230 -15.01 0.45 -3.38
N VAL A 231 -14.27 -0.35 -2.62
CA VAL A 231 -12.97 -0.83 -3.07
C VAL A 231 -13.16 -1.59 -4.39
N GLU A 232 -14.22 -2.39 -4.45
CA GLU A 232 -14.48 -3.18 -5.64
C GLU A 232 -14.74 -2.25 -6.82
N ASP A 233 -15.40 -1.12 -6.57
CA ASP A 233 -15.68 -0.15 -7.64
C ASP A 233 -14.39 0.42 -8.20
N VAL A 234 -13.46 0.77 -7.31
CA VAL A 234 -12.18 1.33 -7.75
C VAL A 234 -11.40 0.28 -8.55
N ILE A 235 -11.35 -0.95 -8.05
CA ILE A 235 -10.65 -2.02 -8.75
C ILE A 235 -11.18 -2.12 -10.17
N ASP A 236 -12.50 -2.16 -10.33
CA ASP A 236 -13.10 -2.23 -11.66
C ASP A 236 -12.68 -1.03 -12.51
N ARG A 237 -12.85 0.17 -11.97
CA ARG A 237 -12.48 1.41 -12.68
C ARG A 237 -11.02 1.35 -13.11
N LEU A 239 -9.09 -1.41 -13.60
CA LEU A 239 -8.84 -2.41 -14.64
C LEU A 239 -9.30 -1.91 -16.00
N ILE A 240 -10.38 -1.14 -15.99
CA ILE A 240 -10.93 -0.58 -17.22
C ILE A 240 -10.01 0.49 -17.80
N SER A 241 -9.35 1.26 -16.93
CA SER A 241 -8.47 2.32 -17.38
C SER A 241 -7.26 1.80 -18.14
N LEU A 242 -6.89 0.55 -17.87
CA LEU A 242 -5.75 -0.10 -18.49
C LEU A 242 -5.91 -0.24 -19.99
N LYS A 243 -7.05 -0.76 -20.40
CA LYS A 243 -7.33 -0.97 -21.82
C LYS A 243 -7.32 0.38 -22.52
N GLN A 244 -7.99 1.36 -21.93
CA GLN A 244 -8.05 2.68 -22.54
C GLN A 244 -6.66 3.31 -22.73
N VAL A 245 -5.80 3.15 -21.73
CA VAL A 245 -4.45 3.71 -21.81
C VAL A 245 -3.58 2.97 -22.84
N GLY A 246 -4.01 1.76 -23.20
CA GLY A 246 -3.25 0.99 -24.18
C GLY A 246 -2.58 -0.26 -23.65
N PHE A 247 -2.92 -0.67 -22.43
CA PHE A 247 -2.31 -1.85 -21.83
C PHE A 247 -3.09 -3.12 -22.14
N ASN A 248 -2.37 -4.23 -22.30
CA ASN A 248 -2.99 -5.52 -22.53
C ASN A 248 -2.82 -6.24 -21.19
N ASP A 249 -3.88 -6.86 -20.70
CA ASP A 249 -3.79 -7.55 -19.42
C ASP A 249 -4.13 -9.02 -19.54
N ARG A 250 -3.86 -9.76 -18.47
CA ARG A 250 -4.09 -11.19 -18.43
C ARG A 250 -4.02 -11.67 -16.98
N LEU A 251 -4.60 -12.85 -16.72
CA LEU A 251 -4.61 -13.42 -15.38
C LEU A 251 -3.22 -13.96 -15.01
N LEU A 252 -2.70 -13.53 -13.86
CA LEU A 252 -1.40 -14.02 -13.44
C LEU A 252 -1.65 -15.43 -12.94
N ILE A 254 -0.72 -18.64 -10.93
CA ILE A 254 0.09 -19.11 -9.81
C ILE A 254 0.60 -20.50 -10.18
N ARG A 255 1.76 -20.54 -10.82
CA ARG A 255 2.37 -21.80 -11.24
C ARG A 255 2.84 -22.50 -9.96
N PRO A 256 2.99 -23.83 -10.02
CA PRO A 256 3.43 -24.58 -8.84
C PRO A 256 4.75 -24.02 -8.31
N ASP A 257 5.58 -23.53 -9.22
CA ASP A 257 6.88 -22.96 -8.85
C ASP A 257 6.67 -21.73 -7.98
N LEU A 258 5.70 -20.91 -8.35
CA LEU A 258 5.42 -19.70 -7.60
C LEU A 258 4.92 -20.04 -6.20
N VAL A 259 4.09 -21.07 -6.10
CA VAL A 259 3.59 -21.47 -4.80
C VAL A 259 4.76 -22.01 -3.99
N ALA A 260 5.64 -22.76 -4.65
CA ALA A 260 6.81 -23.33 -3.99
C ALA A 260 7.67 -22.22 -3.39
N GLU A 261 7.92 -21.17 -4.17
CA GLU A 261 8.73 -20.07 -3.68
C GLU A 261 8.00 -19.37 -2.53
N PHE A 262 6.69 -19.24 -2.65
CA PHE A 262 5.91 -18.61 -1.60
C PHE A 262 6.12 -19.33 -0.27
N ASP A 263 6.11 -20.66 -0.31
CA ASP A 263 6.29 -21.45 0.90
C ASP A 263 7.67 -21.35 1.51
N ARG A 264 8.69 -21.06 0.68
CA ARG A 264 10.04 -20.92 1.22
C ARG A 264 10.09 -19.65 2.05
N PHE A 265 9.49 -18.58 1.52
CA PHE A 265 9.46 -17.30 2.21
C PHE A 265 8.59 -17.42 3.45
N GLN A 266 7.52 -18.21 3.36
CA GLN A 266 6.62 -18.40 4.48
C GLN A 266 7.34 -19.17 5.59
N ALA A 267 8.05 -20.21 5.21
CA ALA A 267 8.80 -21.03 6.15
C ALA A 267 9.87 -20.19 6.82
N LYS A 268 10.53 -19.34 6.03
CA LYS A 268 11.58 -18.47 6.57
C LYS A 268 10.97 -17.64 7.70
N SER A 269 9.89 -16.95 7.39
CA SER A 269 9.21 -16.12 8.37
C SER A 269 8.82 -16.90 9.62
N ALA A 271 10.05 -19.54 11.02
CA ALA A 271 11.16 -19.90 11.89
C ALA A 271 11.69 -18.68 12.62
N ASN A 272 11.08 -17.53 12.35
CA ASN A 272 11.50 -16.28 12.97
C ASN A 272 10.60 -15.77 14.09
#